data_5VE9
#
_entry.id   5VE9
#
_cell.length_a   92.984
_cell.length_b   92.984
_cell.length_c   90.446
_cell.angle_alpha   90.000
_cell.angle_beta   90.000
_cell.angle_gamma   120.000
#
_symmetry.space_group_name_H-M   'P 31 2 1'
#
loop_
_entity.id
_entity.type
_entity.pdbx_description
1 polymer 'Microtubule-actin cross-linking factor 1, isoforms 1/2/3/5'
2 polymer 'Microtubule-actin cross-linking factor 1, isoforms 1/2/3/5'
3 non-polymer 'CALCIUM ION'
4 non-polymer 'ZINC ION'
5 water water
#
loop_
_entity_poly.entity_id
_entity_poly.type
_entity_poly.pdbx_seq_one_letter_code
_entity_poly.pdbx_strand_id
1 'polypeptide(L)'
;GPGGHMANFDFDVWRKKYMRWMNHKKSRVMDFFRRIDKDQDGKITRQEFIDGILASKFPTTKLEMTAVADIFDRDGDGYI
DYYEFVAALHP
;
A,B
2 'polypeptide(L)' DADKIEDEVTRQVAQCKCAKRFQVEQIGENKYRFGDSQQLRLVRILRSTVMVRVGGGWMALDEFLVKNDPCRAR C
#
# COMPACT_ATOMS: atom_id res chain seq x y z
N GLY A 4 -4.58 -0.60 9.39
CA GLY A 4 -5.65 -0.25 8.48
C GLY A 4 -5.15 0.46 7.24
N HIS A 5 -3.85 0.72 7.18
CA HIS A 5 -3.24 1.37 6.03
C HIS A 5 -2.90 0.37 4.93
N MET A 6 -2.92 0.86 3.69
CA MET A 6 -2.61 0.05 2.52
C MET A 6 -1.85 0.91 1.50
N ALA A 7 -0.97 0.29 0.73
CA ALA A 7 -0.16 1.01 -0.24
C ALA A 7 0.13 0.16 -1.46
N ASN A 8 0.49 0.81 -2.57
CA ASN A 8 1.00 0.11 -3.72
C ASN A 8 2.43 -0.33 -3.46
N PHE A 9 2.61 -1.62 -3.16
CA PHE A 9 3.93 -2.16 -2.88
C PHE A 9 4.60 -2.64 -4.15
N ASP A 10 5.88 -2.28 -4.31
CA ASP A 10 6.64 -2.66 -5.49
C ASP A 10 7.00 -4.15 -5.43
N PHE A 11 6.02 -4.99 -5.72
CA PHE A 11 6.18 -6.44 -5.56
C PHE A 11 6.99 -7.08 -6.68
N ASP A 12 6.99 -6.45 -7.85
CA ASP A 12 7.78 -6.94 -8.97
C ASP A 12 9.26 -6.87 -8.64
N VAL A 13 9.64 -5.83 -7.90
CA VAL A 13 11.03 -5.62 -7.52
C VAL A 13 11.43 -6.58 -6.40
N TRP A 14 10.54 -6.76 -5.41
CA TRP A 14 10.78 -7.74 -4.35
C TRP A 14 10.86 -9.15 -4.93
N ARG A 15 9.99 -9.42 -5.91
CA ARG A 15 9.89 -10.75 -6.50
C ARG A 15 11.12 -11.07 -7.35
N LYS A 16 11.47 -10.15 -8.26
CA LYS A 16 12.66 -10.30 -9.08
C LYS A 16 13.89 -10.46 -8.19
N LYS A 17 13.97 -9.63 -7.16
CA LYS A 17 15.06 -9.67 -6.19
C LYS A 17 15.13 -11.03 -5.48
N TYR A 18 13.96 -11.58 -5.14
CA TYR A 18 13.91 -12.85 -4.43
C TYR A 18 14.31 -14.02 -5.34
N MET A 19 13.77 -14.05 -6.56
CA MET A 19 14.06 -15.14 -7.48
C MET A 19 15.53 -15.11 -7.89
N ARG A 20 16.08 -13.91 -8.07
CA ARG A 20 17.51 -13.79 -8.38
C ARG A 20 18.34 -14.30 -7.21
N TRP A 21 17.87 -14.03 -5.99
CA TRP A 21 18.56 -14.48 -4.78
C TRP A 21 18.56 -16.01 -4.70
N MET A 22 17.39 -16.61 -4.82
CA MET A 22 17.26 -18.07 -4.76
C MET A 22 18.06 -18.75 -5.87
N ASN A 23 17.88 -18.27 -7.10
CA ASN A 23 18.56 -18.84 -8.26
C ASN A 23 20.08 -18.75 -8.12
N HIS A 24 20.57 -17.68 -7.49
CA HIS A 24 21.99 -17.49 -7.30
C HIS A 24 22.49 -18.19 -6.03
N LYS A 25 21.57 -18.60 -5.16
CA LYS A 25 21.93 -19.26 -3.90
C LYS A 25 21.71 -20.77 -3.95
N LYS A 26 21.51 -21.30 -5.16
CA LYS A 26 21.40 -22.74 -5.36
C LYS A 26 20.21 -23.34 -4.61
N SER A 27 19.12 -22.60 -4.52
CA SER A 27 17.92 -23.06 -3.83
C SER A 27 16.70 -23.01 -4.75
N ARG A 28 15.81 -23.99 -4.58
CA ARG A 28 14.54 -24.00 -5.30
C ARG A 28 13.42 -23.61 -4.35
N VAL A 29 12.54 -22.73 -4.82
CA VAL A 29 11.51 -22.16 -3.95
C VAL A 29 10.52 -23.18 -3.42
N MET A 30 10.42 -24.33 -4.07
CA MET A 30 9.48 -25.36 -3.61
C MET A 30 10.09 -26.22 -2.53
N ASP A 31 11.41 -26.35 -2.52
CA ASP A 31 12.08 -26.97 -1.38
C ASP A 31 11.81 -26.12 -0.15
N PHE A 32 11.82 -24.80 -0.36
CA PHE A 32 11.53 -23.86 0.71
C PHE A 32 10.09 -24.02 1.21
N PHE A 33 9.13 -24.03 0.29
CA PHE A 33 7.72 -24.15 0.67
C PHE A 33 7.43 -25.47 1.39
N ARG A 34 7.89 -26.58 0.80
CA ARG A 34 7.66 -27.89 1.39
C ARG A 34 8.32 -28.00 2.76
N ARG A 35 9.50 -27.39 2.89
CA ARG A 35 10.22 -27.35 4.16
C ARG A 35 9.40 -26.64 5.22
N ILE A 36 8.85 -25.48 4.86
CA ILE A 36 8.04 -24.68 5.79
C ILE A 36 6.68 -25.35 6.05
N ASP A 37 6.16 -26.03 5.03
CA ASP A 37 4.90 -26.75 5.17
C ASP A 37 5.12 -28.10 5.87
N LYS A 38 5.15 -28.08 7.20
CA LYS A 38 5.46 -29.27 7.98
C LYS A 38 4.31 -30.27 8.03
N ASP A 39 3.08 -29.76 8.07
CA ASP A 39 1.90 -30.62 8.10
C ASP A 39 1.63 -31.23 6.73
N GLN A 40 2.36 -30.77 5.72
CA GLN A 40 2.31 -31.37 4.38
C GLN A 40 0.90 -31.42 3.78
N ASP A 41 0.18 -30.30 3.87
CA ASP A 41 -1.18 -30.22 3.32
C ASP A 41 -1.30 -29.13 2.26
N GLY A 42 -0.17 -28.50 1.92
CA GLY A 42 -0.13 -27.53 0.85
C GLY A 42 -0.49 -26.11 1.26
N LYS A 43 -0.46 -25.83 2.55
CA LYS A 43 -0.75 -24.49 3.07
C LYS A 43 0.31 -24.05 4.07
N ILE A 44 0.54 -22.73 4.14
CA ILE A 44 1.34 -22.14 5.20
C ILE A 44 0.72 -20.80 5.57
N THR A 45 0.64 -20.50 6.86
CA THR A 45 0.10 -19.23 7.31
C THR A 45 0.97 -18.09 6.81
N ARG A 46 0.39 -16.90 6.72
CA ARG A 46 1.14 -15.70 6.39
C ARG A 46 2.36 -15.57 7.31
N GLN A 47 2.18 -15.92 8.57
CA GLN A 47 3.23 -15.78 9.57
C GLN A 47 4.33 -16.83 9.38
N GLU A 48 3.94 -18.07 9.13
CA GLU A 48 4.91 -19.14 8.85
C GLU A 48 5.75 -18.78 7.63
N PHE A 49 5.10 -18.18 6.64
CA PHE A 49 5.76 -17.75 5.41
C PHE A 49 6.76 -16.62 5.70
N ILE A 50 6.29 -15.58 6.38
CA ILE A 50 7.15 -14.46 6.76
C ILE A 50 8.36 -14.94 7.58
N ASP A 51 8.08 -15.71 8.62
CA ASP A 51 9.14 -16.28 9.46
C ASP A 51 10.12 -17.10 8.63
N GLY A 52 9.60 -17.76 7.59
CA GLY A 52 10.44 -18.56 6.71
C GLY A 52 11.41 -17.71 5.92
N ILE A 53 10.90 -16.65 5.30
CA ILE A 53 11.73 -15.73 4.52
C ILE A 53 12.79 -15.08 5.40
N LEU A 54 12.36 -14.51 6.53
CA LEU A 54 13.29 -13.87 7.46
C LEU A 54 14.31 -14.86 8.01
N ALA A 55 13.89 -16.11 8.21
CA ALA A 55 14.79 -17.13 8.73
C ALA A 55 15.88 -17.49 7.72
N SER A 56 15.52 -17.48 6.44
CA SER A 56 16.49 -17.72 5.37
C SER A 56 17.49 -16.58 5.27
N LYS A 57 17.19 -15.48 5.96
CA LYS A 57 18.05 -14.30 5.97
C LYS A 57 18.22 -13.71 4.58
N PHE A 58 17.16 -13.79 3.79
CA PHE A 58 17.06 -13.01 2.56
C PHE A 58 16.97 -11.54 2.94
N PRO A 59 17.68 -10.63 2.21
CA PRO A 59 17.62 -9.27 2.72
C PRO A 59 16.23 -8.69 2.56
N THR A 60 15.52 -8.58 3.67
CA THR A 60 14.19 -7.98 3.68
C THR A 60 13.78 -7.68 5.11
N THR A 61 12.67 -6.95 5.26
CA THR A 61 12.23 -6.49 6.57
C THR A 61 10.80 -6.93 6.85
N LYS A 62 10.42 -6.93 8.13
CA LYS A 62 9.07 -7.29 8.53
C LYS A 62 8.03 -6.39 7.87
N LEU A 63 8.33 -5.08 7.81
CA LEU A 63 7.42 -4.13 7.20
C LEU A 63 7.17 -4.47 5.74
N GLU A 64 8.21 -4.90 5.04
CA GLU A 64 8.05 -5.37 3.66
C GLU A 64 7.25 -6.66 3.64
N MET A 65 7.51 -7.55 4.59
CA MET A 65 7.02 -8.91 4.52
C MET A 65 5.53 -9.04 4.84
N THR A 66 4.98 -8.11 5.61
CA THR A 66 3.53 -8.09 5.81
C THR A 66 2.87 -7.74 4.48
N ALA A 67 3.53 -6.90 3.69
CA ALA A 67 3.01 -6.51 2.40
C ALA A 67 3.09 -7.64 1.38
N VAL A 68 4.23 -8.32 1.31
CA VAL A 68 4.38 -9.39 0.33
C VAL A 68 3.51 -10.59 0.72
N ALA A 69 3.44 -10.87 2.02
CA ALA A 69 2.59 -11.97 2.50
C ALA A 69 1.12 -11.65 2.23
N ASP A 70 0.79 -10.37 2.23
CA ASP A 70 -0.56 -9.93 1.88
C ASP A 70 -0.83 -10.21 0.41
N ILE A 71 0.16 -9.93 -0.42
CA ILE A 71 0.03 -10.09 -1.87
C ILE A 71 -0.03 -11.57 -2.27
N PHE A 72 0.77 -12.40 -1.61
CA PHE A 72 0.75 -13.84 -1.82
C PHE A 72 -0.62 -14.42 -1.53
N ASP A 73 -1.17 -14.08 -0.36
CA ASP A 73 -2.48 -14.57 0.04
C ASP A 73 -3.58 -13.93 -0.81
N ARG A 74 -3.74 -14.43 -2.03
CA ARG A 74 -4.61 -13.78 -3.01
C ARG A 74 -6.10 -13.86 -2.68
N ASP A 75 -6.50 -14.85 -1.87
CA ASP A 75 -7.89 -14.99 -1.46
C ASP A 75 -8.15 -14.27 -0.15
N GLY A 76 -7.12 -14.15 0.68
CA GLY A 76 -7.23 -13.45 1.95
C GLY A 76 -7.74 -14.31 3.09
N ASP A 77 -7.70 -15.63 2.92
CA ASP A 77 -8.19 -16.55 3.95
C ASP A 77 -7.17 -16.75 5.07
N GLY A 78 -6.06 -16.01 5.01
CA GLY A 78 -5.04 -16.11 6.03
C GLY A 78 -3.94 -17.11 5.70
N TYR A 79 -4.23 -18.04 4.79
CA TYR A 79 -3.26 -19.07 4.40
C TYR A 79 -2.72 -18.86 3.00
N ILE A 80 -1.42 -19.06 2.83
CA ILE A 80 -0.82 -19.08 1.49
C ILE A 80 -0.73 -20.53 1.01
N ASP A 81 -1.54 -20.90 0.03
CA ASP A 81 -1.53 -22.28 -0.46
C ASP A 81 -0.54 -22.42 -1.62
N TYR A 82 -0.39 -23.65 -2.10
CA TYR A 82 0.59 -23.96 -3.13
C TYR A 82 0.37 -23.17 -4.41
N TYR A 83 -0.89 -23.04 -4.83
CA TYR A 83 -1.22 -22.39 -6.09
C TYR A 83 -1.05 -20.88 -6.01
N GLU A 84 -1.37 -20.31 -4.87
CA GLU A 84 -1.12 -18.89 -4.62
C GLU A 84 0.37 -18.60 -4.66
N PHE A 85 1.13 -19.46 -3.99
CA PHE A 85 2.59 -19.37 -3.98
C PHE A 85 3.17 -19.32 -5.39
N VAL A 86 2.85 -20.35 -6.18
CA VAL A 86 3.32 -20.43 -7.56
C VAL A 86 2.87 -19.24 -8.40
N ALA A 87 1.58 -18.92 -8.33
CA ALA A 87 1.01 -17.80 -9.07
C ALA A 87 1.73 -16.49 -8.77
N ALA A 88 2.11 -16.31 -7.50
CA ALA A 88 2.81 -15.10 -7.09
C ALA A 88 4.22 -15.04 -7.68
N LEU A 89 4.91 -16.18 -7.71
CA LEU A 89 6.30 -16.25 -8.16
C LEU A 89 6.43 -16.53 -9.66
N HIS A 90 5.46 -17.24 -10.23
CA HIS A 90 5.51 -17.64 -11.63
C HIS A 90 4.21 -17.31 -12.36
N PRO A 91 3.99 -16.02 -12.67
CA PRO A 91 2.80 -15.61 -13.42
C PRO A 91 2.70 -16.27 -14.79
N ASP B 1 -6.59 -4.53 -18.18
CA ASP B 1 -7.62 -4.80 -17.18
C ASP B 1 -7.76 -3.59 -16.26
N ALA B 2 -8.11 -3.82 -14.99
CA ALA B 2 -8.31 -2.77 -13.99
C ALA B 2 -9.57 -1.94 -14.25
N ASP B 3 -10.31 -2.29 -15.29
CA ASP B 3 -11.61 -1.66 -15.54
C ASP B 3 -12.64 -2.17 -14.54
N LYS B 4 -12.24 -3.14 -13.73
CA LYS B 4 -13.11 -3.67 -12.68
C LYS B 4 -13.50 -2.54 -11.73
N ILE B 5 -12.61 -1.57 -11.59
CA ILE B 5 -12.90 -0.38 -10.80
C ILE B 5 -14.06 0.40 -11.39
N GLU B 6 -13.92 0.84 -12.64
CA GLU B 6 -14.96 1.65 -13.28
C GLU B 6 -16.24 0.85 -13.51
N ASP B 7 -16.15 -0.48 -13.46
CA ASP B 7 -17.34 -1.32 -13.54
C ASP B 7 -18.06 -1.33 -12.19
N GLU B 8 -17.30 -1.58 -11.13
CA GLU B 8 -17.87 -1.64 -9.78
C GLU B 8 -18.46 -0.30 -9.37
N VAL B 9 -17.76 0.79 -9.67
CA VAL B 9 -18.22 2.13 -9.35
C VAL B 9 -19.58 2.41 -9.99
N THR B 10 -19.63 2.39 -11.32
CA THR B 10 -20.87 2.68 -12.04
C THR B 10 -22.00 1.73 -11.65
N ARG B 11 -21.64 0.49 -11.29
CA ARG B 11 -22.64 -0.49 -10.88
C ARG B 11 -23.22 -0.15 -9.51
N GLN B 12 -22.40 0.44 -8.65
CA GLN B 12 -22.80 0.71 -7.27
C GLN B 12 -23.40 2.11 -7.13
N VAL B 13 -22.98 3.04 -7.98
CA VAL B 13 -23.54 4.38 -7.98
C VAL B 13 -24.91 4.38 -8.64
N ALA B 14 -25.19 3.33 -9.41
CA ALA B 14 -26.50 3.17 -10.04
C ALA B 14 -27.58 2.97 -8.97
N GLN B 15 -27.17 2.49 -7.80
CA GLN B 15 -28.08 2.21 -6.70
C GLN B 15 -28.65 3.49 -6.07
N CYS B 16 -28.22 4.65 -6.56
CA CYS B 16 -28.66 5.92 -5.98
C CYS B 16 -30.15 6.14 -6.24
N LYS B 17 -30.86 6.58 -5.19
CA LYS B 17 -32.30 6.81 -5.26
C LYS B 17 -32.65 8.29 -5.22
N CYS B 18 -31.64 9.15 -5.33
CA CYS B 18 -31.86 10.60 -5.28
C CYS B 18 -32.56 11.08 -6.56
N ALA B 19 -33.23 12.22 -6.46
CA ALA B 19 -33.78 12.88 -7.65
C ALA B 19 -32.62 13.28 -8.55
N LYS B 20 -31.70 14.05 -7.98
CA LYS B 20 -30.40 14.29 -8.60
C LYS B 20 -29.49 13.13 -8.24
N ARG B 21 -29.49 12.10 -9.08
CA ARG B 21 -28.77 10.87 -8.78
C ARG B 21 -27.29 11.14 -8.57
N PHE B 22 -26.75 10.53 -7.51
CA PHE B 22 -25.37 10.72 -7.09
C PHE B 22 -24.40 10.70 -8.27
N GLN B 23 -23.62 11.76 -8.39
CA GLN B 23 -22.75 11.92 -9.55
C GLN B 23 -21.31 11.58 -9.22
N VAL B 24 -20.66 10.89 -10.15
CA VAL B 24 -19.28 10.47 -10.02
C VAL B 24 -18.60 10.70 -11.35
N GLU B 25 -17.43 11.33 -11.32
CA GLU B 25 -16.66 11.56 -12.55
C GLU B 25 -15.28 10.93 -12.43
N GLN B 26 -14.83 10.35 -13.53
CA GLN B 26 -13.55 9.67 -13.59
C GLN B 26 -12.48 10.55 -14.22
N ILE B 27 -11.54 11.02 -13.40
CA ILE B 27 -10.49 11.90 -13.88
C ILE B 27 -9.30 11.09 -14.41
N GLY B 28 -8.98 10.01 -13.69
CA GLY B 28 -7.93 9.10 -14.11
C GLY B 28 -8.36 7.65 -13.90
N GLU B 29 -7.43 6.72 -14.17
CA GLU B 29 -7.71 5.31 -14.00
C GLU B 29 -8.00 4.98 -12.54
N ASN B 30 -7.42 5.77 -11.65
CA ASN B 30 -7.55 5.56 -10.21
C ASN B 30 -7.94 6.83 -9.46
N LYS B 31 -8.54 7.78 -10.17
CA LYS B 31 -8.96 9.03 -9.56
C LYS B 31 -10.40 9.36 -9.92
N TYR B 32 -11.20 9.63 -8.90
CA TYR B 32 -12.62 9.94 -9.08
C TYR B 32 -13.03 11.14 -8.23
N ARG B 33 -14.05 11.86 -8.70
CA ARG B 33 -14.72 12.88 -7.91
C ARG B 33 -16.16 12.43 -7.63
N PHE B 34 -16.53 12.41 -6.36
CA PHE B 34 -17.85 11.94 -5.93
C PHE B 34 -18.69 13.07 -5.38
N GLY B 35 -19.94 13.21 -5.81
CA GLY B 35 -20.86 14.11 -5.16
C GLY B 35 -21.25 15.33 -5.98
N ASP B 36 -22.31 16.00 -5.54
CA ASP B 36 -22.84 17.21 -6.20
C ASP B 36 -21.76 18.23 -6.49
N SER B 37 -20.81 18.33 -5.56
CA SER B 37 -19.67 19.25 -5.62
C SER B 37 -18.59 18.48 -4.90
N GLN B 38 -17.35 18.40 -5.40
CA GLN B 38 -16.32 17.72 -4.59
C GLN B 38 -14.87 17.71 -5.08
N GLN B 39 -14.09 16.92 -4.35
CA GLN B 39 -12.65 16.88 -4.43
C GLN B 39 -12.17 15.60 -5.11
N LEU B 40 -10.87 15.53 -5.38
CA LEU B 40 -10.28 14.41 -6.08
C LEU B 40 -9.86 13.30 -5.11
N ARG B 41 -10.33 12.08 -5.38
CA ARG B 41 -10.08 10.94 -4.49
C ARG B 41 -9.52 9.74 -5.24
N LEU B 42 -8.60 9.02 -4.59
CA LEU B 42 -8.01 7.83 -5.19
C LEU B 42 -8.96 6.64 -5.10
N VAL B 43 -8.91 5.78 -6.10
CA VAL B 43 -9.73 4.57 -6.13
C VAL B 43 -8.91 3.43 -6.69
N ARG B 44 -8.67 2.42 -5.86
CA ARG B 44 -7.92 1.24 -6.27
C ARG B 44 -8.74 -0.02 -6.02
N ILE B 45 -8.15 -1.17 -6.33
CA ILE B 45 -8.83 -2.45 -6.15
C ILE B 45 -7.96 -3.37 -5.31
N LEU B 46 -8.55 -3.91 -4.25
CA LEU B 46 -7.90 -4.89 -3.40
C LEU B 46 -8.69 -6.18 -3.43
N ARG B 47 -8.04 -7.24 -3.89
CA ARG B 47 -8.72 -8.52 -4.09
C ARG B 47 -9.96 -8.32 -4.97
N SER B 48 -11.14 -8.54 -4.40
CA SER B 48 -12.38 -8.40 -5.15
C SER B 48 -13.02 -7.02 -4.98
N THR B 49 -12.73 -6.38 -3.83
CA THR B 49 -13.43 -5.14 -3.47
C THR B 49 -12.68 -3.88 -3.89
N VAL B 50 -13.45 -2.83 -4.17
CA VAL B 50 -12.90 -1.52 -4.52
C VAL B 50 -12.62 -0.71 -3.26
N MET B 51 -11.51 0.02 -3.27
CA MET B 51 -11.09 0.80 -2.11
C MET B 51 -10.91 2.26 -2.48
N VAL B 52 -11.52 3.14 -1.68
CA VAL B 52 -11.41 4.58 -1.88
C VAL B 52 -10.52 5.17 -0.79
N ARG B 53 -9.73 6.17 -1.14
CA ARG B 53 -8.77 6.75 -0.21
C ARG B 53 -9.41 7.74 0.75
N VAL B 54 -9.43 7.39 2.04
CA VAL B 54 -9.98 8.25 3.08
C VAL B 54 -8.91 8.52 4.15
N GLY B 55 -9.22 9.39 5.10
CA GLY B 55 -8.27 9.84 6.10
C GLY B 55 -7.47 8.75 6.79
N GLY B 56 -8.15 7.86 7.50
CA GLY B 56 -7.49 6.82 8.27
C GLY B 56 -6.94 5.67 7.44
N GLY B 57 -7.03 5.77 6.12
CA GLY B 57 -6.53 4.73 5.24
C GLY B 57 -7.41 4.55 4.03
N TRP B 58 -8.01 3.36 3.90
CA TRP B 58 -8.87 3.05 2.77
C TRP B 58 -10.22 2.51 3.24
N MET B 59 -11.25 2.82 2.46
CA MET B 59 -12.62 2.45 2.81
C MET B 59 -13.26 1.69 1.65
N ALA B 60 -14.01 0.64 1.98
CA ALA B 60 -14.76 -0.09 0.96
C ALA B 60 -15.72 0.85 0.27
N LEU B 61 -15.89 0.67 -1.04
CA LEU B 61 -16.71 1.57 -1.84
C LEU B 61 -18.15 1.65 -1.30
N ASP B 62 -18.68 0.53 -0.83
CA ASP B 62 -20.03 0.49 -0.30
C ASP B 62 -20.16 1.34 0.95
N GLU B 63 -19.16 1.27 1.81
CA GLU B 63 -19.15 2.06 3.03
C GLU B 63 -18.95 3.54 2.70
N PHE B 64 -18.12 3.81 1.71
CA PHE B 64 -17.89 5.18 1.25
C PHE B 64 -19.19 5.82 0.77
N LEU B 65 -19.92 5.11 -0.08
CA LEU B 65 -21.19 5.61 -0.61
C LEU B 65 -22.23 5.73 0.50
N VAL B 66 -22.26 4.73 1.38
CA VAL B 66 -23.16 4.76 2.54
C VAL B 66 -22.95 6.03 3.36
N LYS B 67 -21.71 6.51 3.41
CA LYS B 67 -21.37 7.69 4.18
C LYS B 67 -21.52 9.01 3.41
N ASN B 68 -21.47 8.94 2.08
CA ASN B 68 -21.47 10.17 1.26
C ASN B 68 -22.68 10.32 0.34
N ASP B 69 -23.35 9.22 0.01
CA ASP B 69 -24.57 9.27 -0.81
C ASP B 69 -25.79 9.38 0.12
N PRO B 70 -26.57 10.47 0.00
CA PRO B 70 -27.61 10.68 1.02
C PRO B 70 -28.74 9.65 1.01
N CYS B 71 -29.06 9.08 -0.15
CA CYS B 71 -30.14 8.12 -0.24
C CYS B 71 -29.85 6.82 0.51
N ARG B 72 -28.63 6.72 1.05
CA ARG B 72 -28.25 5.57 1.88
C ARG B 72 -27.78 6.02 3.25
N ALA B 73 -27.60 7.33 3.43
CA ALA B 73 -27.04 7.85 4.68
C ALA B 73 -28.10 7.92 5.79
N ARG B 74 -28.77 6.79 6.01
CA ARG B 74 -29.80 6.60 7.04
C ARG B 74 -30.53 7.89 7.45
N GLY C 1 1.54 -4.83 -10.38
CA GLY C 1 2.74 -5.47 -10.88
C GLY C 1 3.81 -4.46 -11.24
N PRO C 2 3.89 -4.07 -12.52
CA PRO C 2 4.89 -3.08 -12.92
C PRO C 2 4.64 -1.70 -12.32
N GLY C 3 3.49 -1.52 -11.68
CA GLY C 3 3.13 -0.26 -11.05
C GLY C 3 2.59 -0.40 -9.64
N GLY C 4 2.97 -1.49 -8.97
CA GLY C 4 2.65 -1.68 -7.57
C GLY C 4 1.44 -2.57 -7.31
N HIS C 5 1.55 -3.41 -6.29
CA HIS C 5 0.44 -4.23 -5.82
C HIS C 5 -0.21 -3.60 -4.60
N MET C 6 -1.54 -3.50 -4.61
CA MET C 6 -2.27 -3.00 -3.45
C MET C 6 -2.17 -4.03 -2.34
N ALA C 7 -1.70 -3.59 -1.17
CA ALA C 7 -1.40 -4.49 -0.08
C ALA C 7 -1.40 -3.80 1.27
N ASN C 8 -1.64 -4.57 2.32
CA ASN C 8 -1.54 -4.05 3.69
C ASN C 8 -0.13 -3.62 4.01
N PHE C 9 0.01 -2.41 4.55
CA PHE C 9 1.29 -1.91 5.04
C PHE C 9 1.11 -1.32 6.43
N ASP C 10 1.90 -1.80 7.38
CA ASP C 10 1.83 -1.30 8.75
C ASP C 10 2.49 0.09 8.82
N PHE C 11 1.78 1.09 8.32
CA PHE C 11 2.27 2.46 8.26
C PHE C 11 2.44 3.06 9.66
N ASP C 12 1.49 2.76 10.54
CA ASP C 12 1.54 3.24 11.92
C ASP C 12 2.86 2.86 12.59
N VAL C 13 3.27 1.60 12.40
CA VAL C 13 4.54 1.11 12.91
C VAL C 13 5.70 1.95 12.42
N TRP C 14 5.75 2.18 11.11
CA TRP C 14 6.82 2.94 10.49
C TRP C 14 6.88 4.37 11.02
N ARG C 15 5.74 5.07 11.00
CA ARG C 15 5.72 6.48 11.40
C ARG C 15 6.10 6.64 12.87
N LYS C 16 5.65 5.71 13.71
CA LYS C 16 6.01 5.72 15.13
C LYS C 16 7.52 5.60 15.27
N LYS C 17 8.09 4.64 14.56
CA LYS C 17 9.54 4.43 14.51
C LYS C 17 10.27 5.73 14.18
N TYR C 18 9.83 6.36 13.09
CA TYR C 18 10.41 7.61 12.61
C TYR C 18 10.26 8.74 13.62
N MET C 19 9.10 8.81 14.28
CA MET C 19 8.84 9.85 15.27
C MET C 19 9.75 9.71 16.49
N ARG C 20 9.90 8.47 16.97
CA ARG C 20 10.78 8.20 18.11
C ARG C 20 12.20 8.65 17.75
N TRP C 21 12.66 8.19 16.59
CA TRP C 21 13.97 8.53 16.06
C TRP C 21 14.20 10.05 16.06
N MET C 22 13.42 10.78 15.27
CA MET C 22 13.55 12.23 15.15
C MET C 22 13.44 12.94 16.50
N ASN C 23 12.44 12.56 17.29
CA ASN C 23 12.14 13.27 18.53
C ASN C 23 13.27 13.18 19.58
N HIS C 24 13.80 11.97 19.81
CA HIS C 24 14.89 11.83 20.77
C HIS C 24 16.26 11.95 20.09
N LYS C 25 16.28 12.48 18.87
CA LYS C 25 17.52 12.82 18.18
C LYS C 25 17.63 14.33 17.98
N LYS C 26 16.79 15.08 18.69
CA LYS C 26 16.85 16.55 18.65
C LYS C 26 16.64 17.09 17.24
N SER C 27 15.78 16.43 16.47
CA SER C 27 15.49 16.85 15.11
C SER C 27 14.00 17.09 14.92
N ARG C 28 13.66 18.22 14.29
CA ARG C 28 12.28 18.56 13.99
C ARG C 28 11.90 18.11 12.59
N VAL C 29 10.73 17.51 12.47
CA VAL C 29 10.24 17.03 11.17
C VAL C 29 10.01 18.19 10.21
N MET C 30 9.61 19.33 10.77
CA MET C 30 9.43 20.55 9.99
C MET C 30 10.73 20.92 9.29
N ASP C 31 11.81 21.00 10.05
CA ASP C 31 13.11 21.41 9.52
C ASP C 31 13.58 20.45 8.43
N PHE C 32 13.31 19.17 8.62
CA PHE C 32 13.60 18.16 7.59
C PHE C 32 12.88 18.50 6.29
N PHE C 33 11.58 18.72 6.38
CA PHE C 33 10.77 19.00 5.20
C PHE C 33 11.21 20.27 4.49
N ARG C 34 11.50 21.32 5.26
CA ARG C 34 11.94 22.59 4.68
C ARG C 34 13.30 22.44 4.01
N ARG C 35 14.17 21.63 4.60
CA ARG C 35 15.49 21.34 4.03
C ARG C 35 15.33 20.70 2.66
N ILE C 36 14.43 19.72 2.56
CA ILE C 36 14.18 19.03 1.30
C ILE C 36 13.46 19.93 0.30
N ASP C 37 12.63 20.84 0.82
CA ASP C 37 11.88 21.76 -0.04
C ASP C 37 12.74 22.97 -0.41
N LYS C 38 13.51 22.83 -1.48
CA LYS C 38 14.44 23.87 -1.90
C LYS C 38 13.71 25.08 -2.46
N ASP C 39 12.75 24.84 -3.34
CA ASP C 39 12.02 25.91 -4.01
C ASP C 39 11.05 26.65 -3.07
N GLN C 40 10.81 26.08 -1.89
CA GLN C 40 9.96 26.70 -0.87
C GLN C 40 8.55 27.00 -1.39
N ASP C 41 7.88 25.97 -1.88
CA ASP C 41 6.49 26.08 -2.34
C ASP C 41 5.57 25.18 -1.50
N GLY C 42 6.14 24.56 -0.47
CA GLY C 42 5.36 23.80 0.48
C GLY C 42 5.15 22.34 0.15
N LYS C 43 5.71 21.88 -0.98
CA LYS C 43 5.59 20.48 -1.36
C LYS C 43 6.91 19.94 -1.91
N ILE C 44 7.09 18.63 -1.75
CA ILE C 44 8.26 17.95 -2.27
C ILE C 44 7.78 16.69 -2.98
N THR C 45 8.38 16.38 -4.13
CA THR C 45 8.03 15.19 -4.88
C THR C 45 8.24 13.94 -4.02
N ARG C 46 7.55 12.86 -4.37
CA ARG C 46 7.74 11.57 -3.72
C ARG C 46 9.21 11.18 -3.70
N GLN C 47 9.89 11.39 -4.82
CA GLN C 47 11.28 10.95 -4.96
C GLN C 47 12.22 11.78 -4.07
N GLU C 48 11.96 13.08 -3.98
CA GLU C 48 12.76 13.95 -3.12
C GLU C 48 12.56 13.58 -1.66
N PHE C 49 11.35 13.16 -1.32
CA PHE C 49 11.03 12.71 0.03
C PHE C 49 11.77 11.41 0.34
N ILE C 50 11.66 10.44 -0.55
CA ILE C 50 12.33 9.16 -0.40
C ILE C 50 13.85 9.34 -0.24
N ASP C 51 14.44 10.08 -1.18
CA ASP C 51 15.88 10.36 -1.13
C ASP C 51 16.29 11.04 0.17
N GLY C 52 15.46 12.00 0.60
CA GLY C 52 15.69 12.70 1.84
C GLY C 52 15.75 11.76 3.04
N ILE C 53 14.83 10.81 3.08
CA ILE C 53 14.78 9.84 4.17
C ILE C 53 15.96 8.85 4.14
N LEU C 54 16.20 8.24 2.98
CA LEU C 54 17.29 7.28 2.83
C LEU C 54 18.64 7.92 3.17
N ALA C 55 18.81 9.18 2.78
CA ALA C 55 20.06 9.89 3.06
C ALA C 55 20.19 10.22 4.54
N SER C 56 19.06 10.32 5.23
CA SER C 56 19.05 10.72 6.64
C SER C 56 19.50 9.61 7.58
N LYS C 57 19.79 8.44 7.02
CA LYS C 57 20.27 7.29 7.80
C LYS C 57 19.24 6.76 8.79
N PHE C 58 17.97 7.03 8.54
CA PHE C 58 16.89 6.42 9.30
C PHE C 58 16.79 4.95 8.90
N PRO C 59 16.84 4.02 9.87
CA PRO C 59 16.81 2.60 9.48
C PRO C 59 15.51 2.21 8.77
N THR C 60 15.54 2.27 7.45
CA THR C 60 14.41 1.84 6.62
C THR C 60 14.93 1.31 5.30
N THR C 61 14.04 1.08 4.34
CA THR C 61 14.42 0.49 3.06
C THR C 61 13.74 1.22 1.90
N LYS C 62 14.34 1.12 0.72
CA LYS C 62 13.77 1.73 -0.47
C LYS C 62 12.38 1.15 -0.77
N LEU C 63 12.27 -0.16 -0.61
CA LEU C 63 11.01 -0.85 -0.84
C LEU C 63 9.95 -0.37 0.15
N GLU C 64 10.38 -0.16 1.40
CA GLU C 64 9.50 0.43 2.40
C GLU C 64 9.12 1.85 2.00
N MET C 65 10.08 2.57 1.41
CA MET C 65 9.91 3.99 1.13
C MET C 65 8.94 4.26 -0.03
N THR C 66 8.89 3.33 -0.99
CA THR C 66 7.94 3.44 -2.08
C THR C 66 6.50 3.37 -1.54
N ALA C 67 6.28 2.44 -0.63
CA ALA C 67 4.98 2.29 0.02
C ALA C 67 4.66 3.48 0.92
N VAL C 68 5.61 3.84 1.78
CA VAL C 68 5.43 4.97 2.69
C VAL C 68 5.09 6.25 1.92
N ALA C 69 5.87 6.54 0.87
CA ALA C 69 5.61 7.71 0.04
C ALA C 69 4.23 7.65 -0.61
N ASP C 70 3.78 6.44 -0.94
CA ASP C 70 2.44 6.27 -1.51
C ASP C 70 1.38 6.71 -0.52
N ILE C 71 1.60 6.35 0.75
CA ILE C 71 0.65 6.68 1.82
C ILE C 71 0.66 8.18 2.14
N PHE C 72 1.85 8.75 2.31
CA PHE C 72 1.98 10.18 2.56
C PHE C 72 1.24 10.99 1.50
N ASP C 73 1.34 10.55 0.26
CA ASP C 73 0.70 11.23 -0.85
C ASP C 73 -0.76 10.79 -0.95
N ARG C 74 -1.65 11.45 -0.21
CA ARG C 74 -3.04 11.01 -0.09
C ARG C 74 -3.80 11.11 -1.41
N ASP C 75 -3.57 12.18 -2.16
CA ASP C 75 -4.05 12.25 -3.54
C ASP C 75 -2.97 11.64 -4.44
N GLY C 76 -3.22 11.55 -5.74
CA GLY C 76 -2.26 10.96 -6.66
C GLY C 76 -1.55 12.00 -7.51
N ASP C 77 -1.16 13.12 -6.90
CA ASP C 77 -0.58 14.24 -7.64
C ASP C 77 0.93 14.11 -7.80
N GLY C 78 1.54 13.16 -7.09
CA GLY C 78 2.96 12.91 -7.20
C GLY C 78 3.81 13.79 -6.29
N TYR C 79 3.15 14.64 -5.51
CA TYR C 79 3.85 15.49 -4.53
C TYR C 79 3.38 15.17 -3.12
N ILE C 80 4.23 15.44 -2.15
CA ILE C 80 3.85 15.41 -0.74
C ILE C 80 3.92 16.82 -0.17
N ASP C 81 2.76 17.43 0.04
CA ASP C 81 2.73 18.80 0.57
C ASP C 81 2.91 18.73 2.08
N TYR C 82 3.14 19.87 2.70
CA TYR C 82 3.42 19.91 4.13
C TYR C 82 2.22 19.46 4.96
N TYR C 83 1.00 19.64 4.44
CA TYR C 83 -0.19 19.22 5.17
C TYR C 83 -0.30 17.70 5.19
N GLU C 84 -0.06 17.09 4.03
CA GLU C 84 -0.01 15.64 3.93
C GLU C 84 1.05 15.08 4.87
N PHE C 85 2.17 15.79 4.94
CA PHE C 85 3.28 15.43 5.82
C PHE C 85 2.85 15.43 7.29
N VAL C 86 2.46 16.61 7.78
CA VAL C 86 2.11 16.78 9.20
C VAL C 86 0.91 15.93 9.61
N ALA C 87 -0.09 15.86 8.72
CA ALA C 87 -1.29 15.06 8.99
C ALA C 87 -0.96 13.57 9.06
N ALA C 88 -0.07 13.12 8.17
CA ALA C 88 0.35 11.73 8.17
C ALA C 88 1.11 11.37 9.45
N LEU C 89 1.87 12.33 9.97
CA LEU C 89 2.71 12.09 11.14
C LEU C 89 2.00 12.36 12.45
N HIS C 90 0.91 13.12 12.42
CA HIS C 90 0.16 13.45 13.64
C HIS C 90 -1.35 13.33 13.43
N PRO C 91 -1.85 12.09 13.31
CA PRO C 91 -3.30 11.89 13.13
C PRO C 91 -4.09 12.26 14.38
#